data_5O7C
#
_entry.id   5O7C
#
_cell.length_a   91.222
_cell.length_b   91.222
_cell.length_c   131.883
_cell.angle_alpha   90.00
_cell.angle_beta   90.00
_cell.angle_gamma   90.00
#
_symmetry.space_group_name_H-M   'I 4 2 2'
#
loop_
_entity.id
_entity.type
_entity.pdbx_description
1 polymer '17-beta-hydroxysteroid dehydrogenase 14'
2 non-polymer NICOTINAMIDE-ADENINE-DINUCLEOTIDE
3 non-polymer 'SODIUM ION'
4 non-polymer beta-D-glucopyranose
5 non-polymer 2-(4-fluoranyl-3-oxidanyl-phenyl)carbonylquinoline-7-carbonitrile
6 water water
#
_entity_poly.entity_id   1
_entity_poly.type   'polypeptide(L)'
_entity_poly.pdbx_seq_one_letter_code
;GHMATGTRYAGKVVVVTGGGRGIGAGIVRAFVNSGARVVICDKDESGGRALEQELPGAVFILCDVTQEDDVKTLVSETIR
RFGRLDCVVNNAGHHPPPQRPEETSAQGFRQLLELNLLGTYTLTKLALPYLRKSQGNVINISSLVGAIGQAQAVPYVATK
GAVTAMTKALALDESPYGVRVNCISPGNIWTPLWEELAALMPDPRATIREGMLAQPLGRMGQPAEVGAAAVFLASEANFC
TGIELLVTGGAELGYGCKASRSTPVDAPDIPSGS
;
_entity_poly.pdbx_strand_id   A
#
loop_
_chem_comp.id
_chem_comp.type
_chem_comp.name
_chem_comp.formula
9N2 non-polymer 2-(4-fluoranyl-3-oxidanyl-phenyl)carbonylquinoline-7-carbonitrile 'C17 H9 F N2 O2'
BGC D-saccharide, beta linking beta-D-glucopyranose 'C6 H12 O6'
NA non-polymer 'SODIUM ION' 'Na 1'
NAD non-polymer NICOTINAMIDE-ADENINE-DINUCLEOTIDE 'C21 H27 N7 O14 P2'
#
# COMPACT_ATOMS: atom_id res chain seq x y z
N GLY A 6 1.67 -22.72 -1.22
CA GLY A 6 1.27 -22.69 0.18
C GLY A 6 2.43 -22.70 1.15
N THR A 7 3.66 -22.66 0.63
CA THR A 7 4.84 -22.72 1.48
C THR A 7 5.88 -21.66 1.16
N ARG A 8 5.63 -20.80 0.16
CA ARG A 8 6.64 -19.83 -0.24
C ARG A 8 7.05 -18.91 0.91
N TYR A 9 6.15 -18.64 1.84
CA TYR A 9 6.47 -17.75 2.95
C TYR A 9 6.05 -18.37 4.27
N ALA A 10 6.17 -19.69 4.33
CA ALA A 10 5.80 -20.42 5.52
C ALA A 10 6.68 -20.02 6.71
N GLY A 11 6.08 -20.00 7.89
CA GLY A 11 6.79 -19.68 9.11
C GLY A 11 7.06 -18.21 9.31
N LYS A 12 6.63 -17.36 8.39
CA LYS A 12 6.88 -15.93 8.45
C LYS A 12 5.68 -15.18 9.01
N VAL A 13 5.95 -14.01 9.56
CA VAL A 13 4.92 -13.15 10.15
C VAL A 13 4.89 -11.82 9.42
N VAL A 14 3.71 -11.42 8.97
CA VAL A 14 3.54 -10.23 8.13
C VAL A 14 2.49 -9.31 8.75
N VAL A 15 2.77 -8.00 8.78
CA VAL A 15 1.80 -6.99 9.17
C VAL A 15 1.35 -6.25 7.91
N VAL A 16 0.05 -6.13 7.69
CA VAL A 16 -0.49 -5.37 6.55
C VAL A 16 -1.37 -4.25 7.09
N THR A 17 -0.96 -3.01 6.87
CA THR A 17 -1.80 -1.89 7.30
C THR A 17 -2.89 -1.59 6.28
N GLY A 18 -4.00 -1.06 6.76
CA GLY A 18 -5.18 -0.92 5.91
C GLY A 18 -5.59 -2.23 5.28
N GLY A 19 -5.49 -3.32 6.03
CA GLY A 19 -5.74 -4.63 5.46
C GLY A 19 -7.18 -5.07 5.45
N GLY A 20 -8.11 -4.21 5.86
CA GLY A 20 -9.50 -4.65 6.03
C GLY A 20 -10.30 -4.73 4.75
N ARG A 21 -9.87 -4.07 3.68
CA ARG A 21 -10.58 -4.06 2.41
C ARG A 21 -9.60 -3.68 1.29
N GLY A 22 -10.09 -3.79 0.05
CA GLY A 22 -9.34 -3.26 -1.09
C GLY A 22 -8.04 -3.98 -1.31
N ILE A 23 -7.03 -3.21 -1.71
CA ILE A 23 -5.71 -3.76 -1.97
C ILE A 23 -5.17 -4.46 -0.73
N GLY A 24 -5.31 -3.83 0.43
CA GLY A 24 -4.78 -4.41 1.64
C GLY A 24 -5.33 -5.79 1.92
N ALA A 25 -6.65 -5.96 1.77
CA ALA A 25 -7.23 -7.29 1.94
C ALA A 25 -6.68 -8.27 0.92
N GLY A 26 -6.46 -7.82 -0.32
CA GLY A 26 -5.88 -8.72 -1.30
C GLY A 26 -4.49 -9.16 -0.90
N ILE A 27 -3.71 -8.22 -0.35
CA ILE A 27 -2.38 -8.55 0.12
C ILE A 27 -2.44 -9.53 1.28
N VAL A 28 -3.35 -9.31 2.23
CA VAL A 28 -3.55 -10.25 3.33
C VAL A 28 -3.80 -11.64 2.79
N ARG A 29 -4.74 -11.74 1.85
CA ARG A 29 -5.09 -13.06 1.33
C ARG A 29 -3.89 -13.71 0.65
N ALA A 30 -3.12 -12.93 -0.11
CA ALA A 30 -1.98 -13.50 -0.82
C ALA A 30 -0.95 -14.04 0.15
N PHE A 31 -0.72 -13.33 1.26
CA PHE A 31 0.28 -13.82 2.22
C PHE A 31 -0.23 -15.03 2.99
N VAL A 32 -1.50 -15.05 3.39
CA VAL A 32 -2.02 -16.26 4.02
C VAL A 32 -1.88 -17.45 3.08
N ASN A 33 -2.22 -17.28 1.79
CA ASN A 33 -2.11 -18.38 0.83
C ASN A 33 -0.67 -18.82 0.62
N SER A 34 0.29 -17.96 0.92
CA SER A 34 1.69 -18.34 0.82
C SER A 34 2.21 -19.02 2.09
N GLY A 35 1.38 -19.17 3.12
CA GLY A 35 1.80 -19.87 4.32
C GLY A 35 2.15 -18.98 5.50
N ALA A 36 2.03 -17.67 5.36
CA ALA A 36 2.42 -16.77 6.42
C ALA A 36 1.28 -16.59 7.40
N ARG A 37 1.64 -16.19 8.61
CA ARG A 37 0.70 -15.59 9.54
C ARG A 37 0.65 -14.10 9.32
N VAL A 38 -0.56 -13.53 9.31
CA VAL A 38 -0.75 -12.13 8.95
C VAL A 38 -1.49 -11.42 10.07
N VAL A 39 -0.99 -10.25 10.44
CA VAL A 39 -1.66 -9.32 11.32
C VAL A 39 -2.30 -8.26 10.44
N ILE A 40 -3.62 -8.20 10.47
CA ILE A 40 -4.38 -7.19 9.73
C ILE A 40 -4.51 -5.96 10.62
N CYS A 41 -3.97 -4.81 10.18
CA CYS A 41 -4.13 -3.55 10.87
C CYS A 41 -5.13 -2.72 10.10
N ASP A 42 -6.11 -2.15 10.81
CA ASP A 42 -6.99 -1.18 10.17
C ASP A 42 -7.57 -0.27 11.23
N LYS A 43 -7.94 0.94 10.82
CA LYS A 43 -8.61 1.87 11.73
C LYS A 43 -10.09 1.54 11.87
N ASP A 44 -10.66 0.79 10.93
N ASP A 44 -10.63 0.73 10.95
CA ASP A 44 -12.05 0.39 10.97
CA ASP A 44 -12.04 0.36 10.89
C ASP A 44 -12.15 -1.11 11.23
C ASP A 44 -12.18 -1.13 11.17
N GLU A 45 -13.10 -1.48 12.09
CA GLU A 45 -13.22 -2.87 12.55
C GLU A 45 -13.94 -3.76 11.55
N SER A 46 -14.80 -3.20 10.69
CA SER A 46 -15.79 -4.01 9.98
C SER A 46 -15.13 -5.05 9.09
N GLY A 47 -14.33 -4.60 8.13
CA GLY A 47 -13.76 -5.51 7.16
C GLY A 47 -12.73 -6.43 7.79
N GLY A 48 -11.83 -5.87 8.59
CA GLY A 48 -10.73 -6.66 9.11
C GLY A 48 -11.16 -7.72 10.09
N ARG A 49 -12.20 -7.42 10.89
CA ARG A 49 -12.69 -8.42 11.84
C ARG A 49 -13.28 -9.60 11.11
N ALA A 50 -14.03 -9.33 10.04
CA ALA A 50 -14.58 -10.42 9.24
C ALA A 50 -13.48 -11.22 8.56
N LEU A 51 -12.43 -10.54 8.08
CA LEU A 51 -11.32 -11.23 7.43
C LEU A 51 -10.61 -12.16 8.42
N GLU A 52 -10.43 -11.72 9.68
N GLU A 52 -10.48 -11.73 9.69
CA GLU A 52 -9.86 -12.62 10.68
CA GLU A 52 -9.88 -12.57 10.73
C GLU A 52 -10.69 -13.90 10.79
C GLU A 52 -10.68 -13.84 10.96
N GLN A 53 -12.01 -13.74 10.93
CA GLN A 53 -12.85 -14.92 11.09
C GLN A 53 -12.74 -15.83 9.88
N GLU A 54 -12.61 -15.23 8.71
CA GLU A 54 -12.59 -15.98 7.47
C GLU A 54 -11.30 -16.77 7.29
N LEU A 55 -10.16 -16.16 7.62
CA LEU A 55 -8.85 -16.71 7.25
C LEU A 55 -8.13 -17.29 8.46
N PRO A 56 -7.94 -18.59 8.53
CA PRO A 56 -7.03 -19.13 9.53
C PRO A 56 -5.63 -18.62 9.22
N GLY A 57 -4.97 -18.15 10.24
CA GLY A 57 -3.66 -17.58 10.04
C GLY A 57 -3.64 -16.08 9.94
N ALA A 58 -4.80 -15.42 9.86
CA ALA A 58 -4.89 -13.97 9.95
C ALA A 58 -5.60 -13.56 11.23
N VAL A 59 -5.10 -12.49 11.87
CA VAL A 59 -5.77 -11.90 13.03
C VAL A 59 -5.84 -10.40 12.80
N PHE A 60 -6.80 -9.77 13.49
CA PHE A 60 -7.08 -8.35 13.33
C PHE A 60 -6.69 -7.58 14.58
N ILE A 61 -5.96 -6.48 14.37
CA ILE A 61 -5.62 -5.55 15.43
C ILE A 61 -6.06 -4.16 15.01
N LEU A 62 -6.99 -3.58 15.75
CA LEU A 62 -7.42 -2.22 15.49
C LEU A 62 -6.24 -1.27 15.72
N CYS A 63 -5.94 -0.46 14.72
CA CYS A 63 -4.77 0.42 14.80
C CYS A 63 -4.89 1.48 13.72
N ASP A 64 -4.89 2.74 14.14
CA ASP A 64 -4.84 3.91 13.27
C ASP A 64 -3.38 4.29 13.09
N VAL A 65 -2.85 4.17 11.87
CA VAL A 65 -1.41 4.36 11.70
C VAL A 65 -0.95 5.79 11.89
N THR A 66 -1.88 6.75 12.01
CA THR A 66 -1.52 8.13 12.35
C THR A 66 -1.33 8.34 13.84
N GLN A 67 -1.61 7.35 14.67
CA GLN A 67 -1.52 7.45 16.12
C GLN A 67 -0.33 6.61 16.58
N GLU A 68 0.76 7.27 16.98
CA GLU A 68 2.01 6.56 17.25
C GLU A 68 1.83 5.47 18.30
N ASP A 69 1.00 5.70 19.32
CA ASP A 69 0.81 4.69 20.36
C ASP A 69 -0.01 3.50 19.86
N ASP A 70 -0.94 3.72 18.92
CA ASP A 70 -1.59 2.60 18.24
C ASP A 70 -0.55 1.72 17.54
N VAL A 71 0.40 2.35 16.83
CA VAL A 71 1.40 1.61 16.06
C VAL A 71 2.38 0.91 16.98
N LYS A 72 2.78 1.56 18.08
CA LYS A 72 3.63 0.89 19.05
C LYS A 72 2.98 -0.38 19.56
N THR A 73 1.70 -0.30 19.92
CA THR A 73 0.97 -1.47 20.39
C THR A 73 0.82 -2.52 19.30
N LEU A 74 0.59 -2.10 18.05
CA LEU A 74 0.56 -3.05 16.94
C LEU A 74 1.82 -3.90 16.88
N VAL A 75 2.99 -3.27 16.96
CA VAL A 75 4.23 -4.00 16.87
C VAL A 75 4.42 -4.88 18.09
N SER A 76 4.22 -4.31 19.29
CA SER A 76 4.46 -5.11 20.49
C SER A 76 3.50 -6.28 20.57
N GLU A 77 2.23 -6.11 20.13
CA GLU A 77 1.29 -7.22 20.15
C GLU A 77 1.63 -8.28 19.10
N THR A 78 2.12 -7.87 17.94
CA THR A 78 2.58 -8.83 16.93
C THR A 78 3.69 -9.72 17.50
N ILE A 79 4.68 -9.11 18.14
CA ILE A 79 5.78 -9.87 18.72
C ILE A 79 5.32 -10.73 19.87
N ARG A 80 4.46 -10.18 20.74
CA ARG A 80 3.96 -10.97 21.88
C ARG A 80 3.20 -12.20 21.41
N ARG A 81 2.36 -12.03 20.37
CA ARG A 81 1.50 -13.12 19.92
C ARG A 81 2.21 -14.11 18.99
N PHE A 82 3.19 -13.69 18.20
CA PHE A 82 3.75 -14.53 17.15
C PHE A 82 5.25 -14.68 17.20
N GLY A 83 5.96 -13.90 18.01
CA GLY A 83 7.35 -14.18 18.32
C GLY A 83 8.38 -13.74 17.28
N ARG A 84 7.97 -13.10 16.20
CA ARG A 84 8.88 -12.58 15.19
C ARG A 84 8.08 -11.66 14.28
N LEU A 85 8.81 -10.92 13.46
CA LEU A 85 8.20 -10.08 12.42
C LEU A 85 9.12 -10.10 11.21
N ASP A 86 8.57 -10.47 10.06
CA ASP A 86 9.35 -10.67 8.84
C ASP A 86 9.08 -9.66 7.75
N CYS A 87 7.89 -9.08 7.70
CA CYS A 87 7.53 -8.20 6.60
C CYS A 87 6.46 -7.23 7.08
N VAL A 88 6.63 -5.96 6.71
N VAL A 88 6.65 -5.94 6.79
CA VAL A 88 5.65 -4.92 6.97
CA VAL A 88 5.60 -4.95 7.00
C VAL A 88 5.19 -4.39 5.63
C VAL A 88 5.18 -4.43 5.63
N VAL A 89 3.87 -4.39 5.40
CA VAL A 89 3.30 -3.87 4.16
C VAL A 89 2.53 -2.62 4.53
N ASN A 90 3.09 -1.47 4.14
CA ASN A 90 2.50 -0.18 4.47
C ASN A 90 1.55 0.17 3.35
N ASN A 91 0.31 -0.29 3.51
CA ASN A 91 -0.72 -0.10 2.51
C ASN A 91 -1.73 0.98 2.88
N ALA A 92 -1.98 1.24 4.17
CA ALA A 92 -2.97 2.24 4.55
C ALA A 92 -2.68 3.56 3.85
N GLY A 93 -3.72 4.15 3.27
CA GLY A 93 -3.58 5.44 2.60
C GLY A 93 -4.92 5.87 2.07
N HIS A 94 -4.97 7.09 1.55
CA HIS A 94 -6.23 7.63 1.07
C HIS A 94 -5.98 8.52 -0.13
N HIS A 95 -6.94 8.52 -1.06
CA HIS A 95 -6.99 9.52 -2.14
C HIS A 95 -8.20 10.40 -1.93
N PRO A 96 -8.02 11.70 -1.70
CA PRO A 96 -9.18 12.60 -1.53
C PRO A 96 -9.98 12.69 -2.82
N PRO A 97 -11.18 13.26 -2.77
CA PRO A 97 -11.86 13.57 -3.99
C PRO A 97 -11.01 14.52 -4.84
N PRO A 98 -11.23 14.52 -6.15
CA PRO A 98 -10.52 15.47 -7.02
C PRO A 98 -10.62 16.90 -6.48
N GLN A 99 -9.49 17.61 -6.47
CA GLN A 99 -9.42 18.96 -5.92
C GLN A 99 -8.51 19.78 -6.81
N ARG A 100 -9.05 20.88 -7.34
CA ARG A 100 -8.23 21.85 -8.04
C ARG A 100 -7.16 22.41 -7.10
N PRO A 101 -5.98 22.76 -7.61
CA PRO A 101 -4.92 23.21 -6.69
C PRO A 101 -5.36 24.36 -5.80
N GLU A 102 -6.14 25.32 -6.32
CA GLU A 102 -6.55 26.43 -5.50
C GLU A 102 -7.61 26.04 -4.46
N GLU A 103 -8.21 24.85 -4.58
CA GLU A 103 -9.15 24.32 -3.61
C GLU A 103 -8.48 23.50 -2.50
N THR A 104 -7.19 23.24 -2.62
CA THR A 104 -6.48 22.54 -1.55
C THR A 104 -6.09 23.52 -0.46
N SER A 105 -5.72 22.95 0.69
CA SER A 105 -5.20 23.73 1.81
C SER A 105 -3.94 23.08 2.36
N ALA A 106 -3.11 23.91 2.98
CA ALA A 106 -1.93 23.40 3.67
C ALA A 106 -2.33 22.42 4.75
N GLN A 107 -3.41 22.70 5.48
CA GLN A 107 -3.78 21.81 6.58
C GLN A 107 -4.26 20.47 6.04
N GLY A 108 -5.05 20.48 4.95
CA GLY A 108 -5.46 19.23 4.34
C GLY A 108 -4.27 18.43 3.81
N PHE A 109 -3.30 19.14 3.25
CA PHE A 109 -2.07 18.53 2.79
C PHE A 109 -1.32 17.90 3.95
N ARG A 110 -1.22 18.61 5.09
CA ARG A 110 -0.57 18.06 6.29
C ARG A 110 -1.27 16.79 6.75
N GLN A 111 -2.59 16.78 6.76
CA GLN A 111 -3.32 15.63 7.24
C GLN A 111 -3.09 14.44 6.31
N LEU A 112 -3.03 14.68 5.00
CA LEU A 112 -2.83 13.56 4.08
C LEU A 112 -1.41 13.04 4.19
N LEU A 113 -0.45 13.95 4.43
CA LEU A 113 0.91 13.52 4.70
C LEU A 113 0.97 12.63 5.93
N GLU A 114 0.16 12.97 6.96
CA GLU A 114 0.15 12.16 8.19
C GLU A 114 -0.18 10.73 7.90
N LEU A 115 -1.18 10.50 7.04
CA LEU A 115 -1.58 9.14 6.75
C LEU A 115 -0.64 8.48 5.74
N ASN A 116 -0.55 9.08 4.56
CA ASN A 116 0.09 8.40 3.44
C ASN A 116 1.60 8.29 3.59
N LEU A 117 2.23 9.26 4.26
CA LEU A 117 3.67 9.27 4.43
C LEU A 117 4.12 8.93 5.86
N LEU A 118 3.69 9.72 6.86
CA LEU A 118 4.23 9.56 8.19
C LEU A 118 3.76 8.26 8.85
N GLY A 119 2.55 7.78 8.51
CA GLY A 119 2.11 6.50 9.05
C GLY A 119 2.99 5.35 8.59
N THR A 120 3.39 5.38 7.33
CA THR A 120 4.36 4.44 6.79
C THR A 120 5.69 4.58 7.50
N TYR A 121 6.16 5.82 7.63
CA TYR A 121 7.43 6.04 8.32
C TYR A 121 7.41 5.47 9.74
N THR A 122 6.32 5.70 10.48
CA THR A 122 6.26 5.36 11.90
C THR A 122 6.26 3.85 12.12
N LEU A 123 5.39 3.13 11.40
CA LEU A 123 5.40 1.68 11.53
C LEU A 123 6.74 1.11 11.10
N THR A 124 7.29 1.58 9.98
CA THR A 124 8.60 1.08 9.56
C THR A 124 9.64 1.26 10.63
N LYS A 125 9.66 2.44 11.27
CA LYS A 125 10.65 2.72 12.31
C LYS A 125 10.50 1.76 13.48
N LEU A 126 9.27 1.56 13.95
CA LEU A 126 9.06 0.70 15.10
C LEU A 126 9.34 -0.75 14.77
N ALA A 127 9.15 -1.14 13.51
CA ALA A 127 9.33 -2.52 13.08
C ALA A 127 10.77 -2.86 12.75
N LEU A 128 11.60 -1.89 12.36
CA LEU A 128 12.94 -2.22 11.86
C LEU A 128 13.80 -3.02 12.84
N PRO A 129 13.79 -2.77 14.15
CA PRO A 129 14.62 -3.62 15.04
C PRO A 129 14.28 -5.09 14.90
N TYR A 130 12.99 -5.42 14.73
CA TYR A 130 12.59 -6.82 14.59
C TYR A 130 12.89 -7.35 13.20
N LEU A 131 12.76 -6.50 12.18
CA LEU A 131 13.09 -6.93 10.83
C LEU A 131 14.57 -7.20 10.69
N ARG A 132 15.41 -6.45 11.42
CA ARG A 132 16.84 -6.74 11.37
C ARG A 132 17.11 -8.13 11.94
N LYS A 133 16.40 -8.51 13.00
CA LYS A 133 16.64 -9.83 13.60
C LYS A 133 16.26 -10.95 12.66
N SER A 134 15.25 -10.73 11.83
CA SER A 134 14.72 -11.76 10.94
C SER A 134 15.21 -11.64 9.51
N GLN A 135 16.08 -10.66 9.23
CA GLN A 135 16.46 -10.29 7.87
C GLN A 135 15.21 -10.15 7.02
N GLY A 136 14.23 -9.44 7.59
CA GLY A 136 12.93 -9.24 6.97
C GLY A 136 12.97 -8.10 5.97
N ASN A 137 11.79 -7.61 5.59
CA ASN A 137 11.74 -6.63 4.51
C ASN A 137 10.50 -5.75 4.67
N VAL A 138 10.55 -4.59 4.01
CA VAL A 138 9.51 -3.57 4.02
C VAL A 138 8.95 -3.45 2.61
N ILE A 139 7.62 -3.41 2.49
CA ILE A 139 6.95 -3.18 1.22
C ILE A 139 6.04 -2.00 1.41
N ASN A 140 6.30 -0.91 0.70
CA ASN A 140 5.43 0.25 0.75
C ASN A 140 4.53 0.28 -0.48
N ILE A 141 3.26 0.62 -0.30
CA ILE A 141 2.33 0.73 -1.40
C ILE A 141 2.26 2.20 -1.77
N SER A 142 2.91 2.54 -2.87
CA SER A 142 2.98 3.93 -3.32
C SER A 142 1.89 4.15 -4.36
N SER A 143 2.21 4.70 -5.53
CA SER A 143 1.28 4.86 -6.61
C SER A 143 2.03 5.26 -7.84
N LEU A 144 1.52 4.80 -8.99
CA LEU A 144 2.03 5.27 -10.28
C LEU A 144 2.00 6.79 -10.38
N VAL A 145 1.00 7.45 -9.79
CA VAL A 145 0.91 8.88 -10.04
C VAL A 145 1.96 9.66 -9.27
N GLY A 146 2.67 9.02 -8.33
CA GLY A 146 3.84 9.65 -7.75
C GLY A 146 4.93 9.87 -8.77
N ALA A 147 5.02 8.99 -9.76
CA ALA A 147 6.02 9.02 -10.81
C ALA A 147 5.63 9.90 -11.98
N ILE A 148 4.37 9.84 -12.41
CA ILE A 148 3.94 10.51 -13.64
C ILE A 148 2.97 11.66 -13.41
N GLY A 149 2.52 11.89 -12.17
CA GLY A 149 1.53 12.92 -11.91
C GLY A 149 0.11 12.47 -12.15
N GLN A 150 -0.82 13.26 -11.60
CA GLN A 150 -2.25 13.07 -11.82
C GLN A 150 -2.90 14.45 -11.74
N ALA A 151 -3.99 14.61 -12.46
CA ALA A 151 -4.73 15.85 -12.40
C ALA A 151 -5.58 15.90 -11.13
N GLN A 152 -5.78 17.12 -10.62
CA GLN A 152 -6.66 17.39 -9.48
C GLN A 152 -6.32 16.54 -8.27
N ALA A 153 -5.03 16.46 -7.96
CA ALA A 153 -4.54 15.63 -6.85
C ALA A 153 -3.16 16.06 -6.37
N VAL A 154 -2.89 17.36 -6.32
CA VAL A 154 -1.55 17.81 -5.91
C VAL A 154 -1.12 17.19 -4.59
N PRO A 155 -1.91 17.24 -3.51
CA PRO A 155 -1.43 16.67 -2.25
C PRO A 155 -1.20 15.18 -2.33
N TYR A 156 -2.14 14.43 -2.92
CA TYR A 156 -1.98 12.99 -3.01
C TYR A 156 -0.72 12.63 -3.77
N VAL A 157 -0.51 13.26 -4.92
CA VAL A 157 0.66 12.95 -5.74
C VAL A 157 1.93 13.23 -4.97
N ALA A 158 1.95 14.37 -4.26
CA ALA A 158 3.14 14.69 -3.48
C ALA A 158 3.42 13.62 -2.42
N THR A 159 2.38 13.11 -1.73
CA THR A 159 2.63 12.10 -0.70
C THR A 159 3.22 10.82 -1.29
N LYS A 160 2.80 10.46 -2.50
CA LYS A 160 3.28 9.21 -3.09
C LYS A 160 4.65 9.39 -3.71
N GLY A 161 4.96 10.57 -4.26
CA GLY A 161 6.35 10.84 -4.60
C GLY A 161 7.26 10.68 -3.41
N ALA A 162 6.79 11.13 -2.25
CA ALA A 162 7.60 11.01 -1.03
C ALA A 162 7.78 9.57 -0.60
N VAL A 163 6.73 8.74 -0.71
CA VAL A 163 6.84 7.34 -0.31
C VAL A 163 7.84 6.62 -1.20
N THR A 164 7.75 6.84 -2.51
CA THR A 164 8.68 6.17 -3.41
C THR A 164 10.11 6.58 -3.13
N ALA A 165 10.35 7.89 -2.94
CA ALA A 165 11.72 8.32 -2.65
C ALA A 165 12.20 7.79 -1.32
N MET A 166 11.32 7.81 -0.30
CA MET A 166 11.71 7.35 1.03
C MET A 166 12.10 5.89 1.01
N THR A 167 11.40 5.10 0.19
CA THR A 167 11.72 3.69 -0.01
C THR A 167 13.18 3.51 -0.44
N LYS A 168 13.62 4.32 -1.40
CA LYS A 168 15.00 4.20 -1.88
C LYS A 168 16.01 4.61 -0.81
N ALA A 169 15.74 5.71 -0.09
CA ALA A 169 16.63 6.16 0.98
C ALA A 169 16.79 5.10 2.04
N LEU A 170 15.67 4.55 2.51
CA LEU A 170 15.74 3.56 3.57
C LEU A 170 16.41 2.28 3.07
N ALA A 171 16.14 1.88 1.83
CA ALA A 171 16.85 0.73 1.23
C ALA A 171 18.35 0.92 1.36
N LEU A 172 18.85 2.11 1.04
CA LEU A 172 20.27 2.38 1.20
C LEU A 172 20.71 2.19 2.65
N ASP A 173 19.96 2.78 3.59
CA ASP A 173 20.37 2.75 4.99
C ASP A 173 20.31 1.36 5.58
N GLU A 174 19.32 0.56 5.20
CA GLU A 174 19.14 -0.75 5.81
C GLU A 174 19.87 -1.87 5.08
N SER A 175 20.43 -1.61 3.89
CA SER A 175 21.13 -2.66 3.15
C SER A 175 22.27 -3.28 3.96
N PRO A 176 23.03 -2.54 4.78
CA PRO A 176 24.10 -3.19 5.55
C PRO A 176 23.60 -4.18 6.55
N TYR A 177 22.34 -4.08 6.94
CA TYR A 177 21.73 -4.93 7.94
C TYR A 177 20.91 -6.04 7.31
N GLY A 178 20.93 -6.16 5.97
CA GLY A 178 20.24 -7.25 5.30
C GLY A 178 18.75 -7.09 5.18
N VAL A 179 18.21 -5.90 5.43
CA VAL A 179 16.78 -5.63 5.35
C VAL A 179 16.52 -4.92 4.04
N ARG A 180 15.70 -5.53 3.19
CA ARG A 180 15.33 -4.96 1.91
C ARG A 180 14.09 -4.09 2.08
N VAL A 181 14.02 -3.02 1.27
CA VAL A 181 12.94 -2.04 1.35
C VAL A 181 12.55 -1.75 -0.10
N ASN A 182 11.31 -2.10 -0.47
CA ASN A 182 10.85 -1.97 -1.83
C ASN A 182 9.48 -1.32 -1.81
N CYS A 183 9.04 -0.84 -2.97
CA CYS A 183 7.66 -0.40 -3.08
C CYS A 183 6.98 -0.96 -4.33
N ILE A 184 5.66 -0.99 -4.25
CA ILE A 184 4.76 -1.29 -5.36
C ILE A 184 4.03 -0.01 -5.69
N SER A 185 4.00 0.35 -6.97
CA SER A 185 3.23 1.48 -7.45
C SER A 185 2.09 0.94 -8.28
N PRO A 186 0.90 0.76 -7.69
CA PRO A 186 -0.26 0.36 -8.48
C PRO A 186 -0.74 1.53 -9.32
N GLY A 187 -1.36 1.19 -10.44
CA GLY A 187 -2.19 2.10 -11.20
C GLY A 187 -3.64 1.97 -10.77
N ASN A 188 -4.57 2.05 -11.71
CA ASN A 188 -5.99 1.94 -11.40
C ASN A 188 -6.30 0.52 -10.94
N ILE A 189 -6.59 0.36 -9.64
CA ILE A 189 -7.00 -0.93 -9.06
C ILE A 189 -8.45 -0.78 -8.60
N TRP A 190 -9.30 -1.75 -8.98
CA TRP A 190 -10.72 -1.67 -8.61
C TRP A 190 -10.90 -2.07 -7.15
N THR A 191 -11.17 -1.09 -6.30
CA THR A 191 -11.28 -1.21 -4.86
C THR A 191 -12.47 -0.39 -4.39
N PRO A 192 -12.85 -0.49 -3.11
CA PRO A 192 -13.92 0.38 -2.60
C PRO A 192 -13.58 1.85 -2.69
N LEU A 193 -12.31 2.24 -2.55
CA LEU A 193 -11.92 3.62 -2.75
C LEU A 193 -12.23 4.06 -4.18
N TRP A 194 -11.84 3.25 -5.18
CA TRP A 194 -12.13 3.62 -6.56
C TRP A 194 -13.62 3.78 -6.75
N GLU A 195 -14.41 2.82 -6.24
CA GLU A 195 -15.86 2.87 -6.40
C GLU A 195 -16.45 4.10 -5.70
N GLU A 196 -15.94 4.44 -4.51
CA GLU A 196 -16.43 5.60 -3.77
C GLU A 196 -16.15 6.91 -4.52
N LEU A 197 -14.93 7.06 -5.05
CA LEU A 197 -14.57 8.27 -5.77
C LEU A 197 -15.38 8.42 -7.05
N ALA A 198 -15.56 7.33 -7.80
CA ALA A 198 -16.36 7.39 -9.01
C ALA A 198 -17.78 7.83 -8.71
N ALA A 199 -18.34 7.37 -7.58
CA ALA A 199 -19.71 7.72 -7.23
C ALA A 199 -19.91 9.20 -6.97
N LEU A 200 -18.82 9.93 -6.70
CA LEU A 200 -18.83 11.37 -6.51
C LEU A 200 -18.91 12.15 -7.81
N MET A 201 -18.68 11.53 -8.93
CA MET A 201 -18.53 12.25 -10.18
C MET A 201 -19.87 12.42 -10.86
N PRO A 202 -19.96 13.38 -11.79
CA PRO A 202 -21.24 13.58 -12.48
C PRO A 202 -21.76 12.34 -13.18
N ASP A 203 -20.89 11.57 -13.83
CA ASP A 203 -21.27 10.37 -14.55
C ASP A 203 -20.37 9.26 -14.05
N PRO A 204 -20.71 8.61 -12.94
CA PRO A 204 -19.84 7.56 -12.39
C PRO A 204 -19.51 6.45 -13.38
N ARG A 205 -20.47 6.03 -14.21
CA ARG A 205 -20.19 4.95 -15.16
C ARG A 205 -19.16 5.39 -16.20
N ALA A 206 -19.26 6.63 -16.67
CA ALA A 206 -18.28 7.13 -17.63
C ALA A 206 -16.91 7.29 -16.98
N THR A 207 -16.87 7.72 -15.71
CA THR A 207 -15.60 7.80 -15.00
C THR A 207 -14.95 6.43 -14.87
N ILE A 208 -15.74 5.40 -14.58
CA ILE A 208 -15.21 4.06 -14.48
C ILE A 208 -14.73 3.56 -15.84
N ARG A 209 -15.49 3.82 -16.90
CA ARG A 209 -15.07 3.38 -18.23
C ARG A 209 -13.76 4.04 -18.63
N GLU A 210 -13.64 5.34 -18.36
CA GLU A 210 -12.38 6.04 -18.60
C GLU A 210 -11.26 5.42 -17.80
N GLY A 211 -11.52 5.06 -16.54
CA GLY A 211 -10.50 4.43 -15.73
C GLY A 211 -10.00 3.12 -16.32
N MET A 212 -10.91 2.30 -16.85
CA MET A 212 -10.52 1.04 -17.48
C MET A 212 -9.67 1.27 -18.72
N LEU A 213 -10.06 2.25 -19.53
CA LEU A 213 -9.40 2.49 -20.81
C LEU A 213 -8.09 3.23 -20.67
N ALA A 214 -7.74 3.69 -19.47
CA ALA A 214 -6.44 4.32 -19.26
C ALA A 214 -5.31 3.32 -19.35
N GLN A 215 -5.61 2.02 -19.30
CA GLN A 215 -4.62 0.96 -19.38
C GLN A 215 -4.65 0.34 -20.77
N PRO A 216 -3.50 0.13 -21.41
CA PRO A 216 -3.48 -0.71 -22.61
C PRO A 216 -4.19 -2.05 -22.45
N LEU A 217 -4.17 -2.65 -21.26
CA LEU A 217 -4.86 -3.92 -21.06
C LEU A 217 -6.38 -3.77 -21.02
N GLY A 218 -6.88 -2.55 -20.96
CA GLY A 218 -8.30 -2.28 -21.12
C GLY A 218 -9.16 -2.60 -19.92
N ARG A 219 -8.56 -2.90 -18.76
CA ARG A 219 -9.27 -3.12 -17.53
C ARG A 219 -8.48 -2.50 -16.39
N MET A 220 -9.11 -2.39 -15.22
CA MET A 220 -8.37 -2.05 -14.02
C MET A 220 -7.77 -3.32 -13.41
N GLY A 221 -6.84 -3.11 -12.47
CA GLY A 221 -6.22 -4.23 -11.77
C GLY A 221 -7.02 -4.69 -10.58
N GLN A 222 -6.60 -5.82 -10.02
CA GLN A 222 -7.25 -6.40 -8.88
C GLN A 222 -6.36 -6.38 -7.65
N PRO A 223 -6.95 -6.29 -6.46
CA PRO A 223 -6.15 -6.46 -5.23
C PRO A 223 -5.29 -7.71 -5.22
N ALA A 224 -5.81 -8.82 -5.74
CA ALA A 224 -5.04 -10.07 -5.77
C ALA A 224 -3.75 -9.91 -6.57
N GLU A 225 -3.77 -9.06 -7.61
CA GLU A 225 -2.57 -8.86 -8.43
C GLU A 225 -1.53 -8.03 -7.67
N VAL A 226 -1.95 -7.00 -6.94
CA VAL A 226 -1.01 -6.32 -6.05
C VAL A 226 -0.50 -7.30 -5.00
N GLY A 227 -1.38 -8.17 -4.52
CA GLY A 227 -0.97 -9.12 -3.50
C GLY A 227 0.12 -10.07 -3.99
N ALA A 228 -0.01 -10.59 -5.21
CA ALA A 228 1.01 -11.47 -5.76
C ALA A 228 2.35 -10.75 -5.89
N ALA A 229 2.31 -9.47 -6.31
CA ALA A 229 3.54 -8.67 -6.36
C ALA A 229 4.18 -8.51 -4.98
N ALA A 230 3.36 -8.35 -3.93
CA ALA A 230 3.90 -8.20 -2.59
C ALA A 230 4.54 -9.50 -2.12
N VAL A 231 3.87 -10.62 -2.36
CA VAL A 231 4.44 -11.90 -1.97
C VAL A 231 5.76 -12.16 -2.69
N PHE A 232 5.85 -11.78 -3.97
CA PHE A 232 7.12 -11.93 -4.69
C PHE A 232 8.22 -11.11 -4.04
N LEU A 233 7.94 -9.85 -3.76
CA LEU A 233 8.95 -8.99 -3.13
C LEU A 233 9.39 -9.54 -1.78
N ALA A 234 8.46 -10.06 -0.99
CA ALA A 234 8.81 -10.56 0.35
C ALA A 234 9.61 -11.85 0.27
N SER A 235 9.19 -12.78 -0.59
CA SER A 235 9.61 -14.17 -0.51
C SER A 235 10.65 -14.59 -1.54
N GLU A 236 10.76 -13.90 -2.67
CA GLU A 236 11.55 -14.40 -3.78
C GLU A 236 12.40 -13.34 -4.47
N ALA A 237 12.52 -12.14 -3.90
CA ALA A 237 13.22 -11.04 -4.57
C ALA A 237 14.42 -10.64 -3.75
N ASN A 238 15.26 -11.61 -3.43
CA ASN A 238 16.29 -11.37 -2.43
C ASN A 238 17.40 -10.43 -2.90
N PHE A 239 17.53 -10.17 -4.21
CA PHE A 239 18.48 -9.21 -4.76
C PHE A 239 17.81 -7.89 -5.17
N CYS A 240 16.56 -7.70 -4.78
CA CYS A 240 15.84 -6.47 -5.06
C CYS A 240 15.75 -5.65 -3.79
N THR A 241 16.28 -4.44 -3.85
CA THR A 241 16.03 -3.50 -2.78
C THR A 241 15.97 -2.12 -3.42
N GLY A 242 15.05 -1.31 -2.91
CA GLY A 242 14.87 0.03 -3.42
C GLY A 242 14.18 0.12 -4.76
N ILE A 243 13.42 -0.92 -5.16
CA ILE A 243 12.79 -0.90 -6.46
C ILE A 243 11.37 -0.41 -6.32
N GLU A 244 10.84 0.02 -7.45
CA GLU A 244 9.45 0.45 -7.60
C GLU A 244 8.83 -0.50 -8.60
N LEU A 245 8.03 -1.42 -8.11
CA LEU A 245 7.41 -2.44 -8.96
C LEU A 245 6.07 -1.93 -9.43
N LEU A 246 5.94 -1.70 -10.76
CA LEU A 246 4.73 -1.11 -11.33
C LEU A 246 3.69 -2.19 -11.56
N VAL A 247 2.49 -1.95 -11.04
CA VAL A 247 1.35 -2.85 -11.25
C VAL A 247 0.22 -1.97 -11.75
N THR A 248 0.31 -1.64 -13.05
CA THR A 248 -0.44 -0.54 -13.67
C THR A 248 -1.14 -0.91 -14.96
N GLY A 249 -0.95 -2.13 -15.46
CA GLY A 249 -1.55 -2.51 -16.74
C GLY A 249 -1.02 -1.75 -17.94
N GLY A 250 0.14 -1.11 -17.80
CA GLY A 250 0.73 -0.33 -18.88
C GLY A 250 0.26 1.09 -19.02
N ALA A 251 -0.40 1.65 -18.01
CA ALA A 251 -0.95 3.00 -18.13
C ALA A 251 0.11 4.04 -18.44
N GLU A 252 1.35 3.83 -17.97
CA GLU A 252 2.44 4.78 -18.18
C GLU A 252 3.04 4.73 -19.58
N LEU A 253 2.62 3.78 -20.41
CA LEU A 253 3.17 3.55 -21.73
C LEU A 253 2.42 4.36 -22.80
N GLY A 254 3.18 4.89 -23.74
CA GLY A 254 2.60 5.50 -24.94
C GLY A 254 1.93 6.85 -24.69
N TYR A 255 1.43 7.41 -25.79
CA TYR A 255 0.68 8.65 -25.87
C TYR A 255 -0.81 8.37 -25.69
N GLY A 256 -1.52 9.33 -25.12
CA GLY A 256 -2.96 9.21 -24.93
C GLY A 256 -3.63 10.54 -25.05
N CYS A 257 -4.74 10.70 -24.32
N CYS A 257 -4.76 10.70 -24.35
CA CYS A 257 -5.53 11.92 -24.32
CA CYS A 257 -5.53 11.94 -24.34
C CYS A 257 -5.24 12.68 -23.03
C CYS A 257 -5.24 12.67 -23.03
N LYS A 258 -4.42 13.73 -23.12
CA LYS A 258 -4.02 14.48 -21.93
C LYS A 258 -4.56 15.90 -21.88
N ALA A 259 -5.20 16.39 -22.94
CA ALA A 259 -5.76 17.74 -22.94
C ALA A 259 -7.29 17.70 -22.94
N PRO A 268 -1.31 24.20 -35.36
CA PRO A 268 -1.11 22.90 -34.70
C PRO A 268 -0.01 22.96 -33.65
N ASP A 269 0.94 23.88 -33.84
CA ASP A 269 2.07 24.06 -32.93
C ASP A 269 2.02 25.41 -32.22
N ILE A 270 0.82 25.97 -32.06
CA ILE A 270 0.68 27.23 -31.34
C ILE A 270 -0.62 27.26 -30.53
PA NAD B . -9.36 1.53 0.29
O1A NAD B . -9.89 2.86 0.75
O2A NAD B . -10.30 0.62 -0.48
O5B NAD B . -8.79 0.70 1.49
C5B NAD B . -7.89 1.37 2.40
C4B NAD B . -7.94 0.71 3.75
O4B NAD B . -7.03 1.41 4.64
C3B NAD B . -9.31 0.74 4.42
O3B NAD B . -9.64 -0.51 5.04
C2B NAD B . -9.17 1.86 5.46
O2B NAD B . -9.99 1.72 6.62
C1B NAD B . -7.70 1.68 5.84
N9A NAD B . -7.12 2.86 6.46
C8A NAD B . -7.30 4.17 6.07
N7A NAD B . -6.76 5.04 6.87
C5A NAD B . -6.15 4.25 7.85
C6A NAD B . -5.43 4.57 9.02
N6A NAD B . -5.22 5.83 9.47
N1A NAD B . -4.98 3.55 9.78
C2A NAD B . -5.24 2.30 9.39
N3A NAD B . -5.90 1.88 8.32
C4A NAD B . -6.36 2.91 7.59
O3 NAD B . -8.10 1.90 -0.62
PN NAD B . -7.29 1.09 -1.73
O1N NAD B . -7.32 -0.33 -1.38
O2N NAD B . -7.83 1.53 -3.04
O5D NAD B . -5.81 1.70 -1.54
C5D NAD B . -4.84 1.05 -0.70
C4D NAD B . -3.51 1.71 -0.96
O4D NAD B . -3.21 1.61 -2.37
C3D NAD B . -3.40 3.19 -0.59
O3D NAD B . -2.07 3.51 -0.15
C2D NAD B . -3.64 3.88 -1.94
O2D NAD B . -3.05 5.18 -1.97
C1D NAD B . -2.89 2.90 -2.85
N1N NAD B . -3.27 2.97 -4.31
C2N NAD B . -4.52 2.66 -4.70
C3N NAD B . -4.86 2.70 -6.04
C7N NAD B . -6.21 2.32 -6.60
O7N NAD B . -6.42 2.48 -7.80
N7N NAD B . -7.14 1.81 -5.76
C4N NAD B . -3.89 3.06 -6.95
C5N NAD B . -2.61 3.36 -6.54
C6N NAD B . -2.32 3.31 -5.20
NA NA C . -8.14 -16.01 11.61
C2 BGC D . -13.18 -6.27 -3.92
C3 BGC D . -14.20 -6.50 -5.02
C4 BGC D . -15.00 -5.24 -5.35
C5 BGC D . -14.06 -4.05 -5.50
C6 BGC D . -14.76 -2.73 -5.71
C1 BGC D . -12.36 -5.02 -4.19
O1 BGC D . -11.47 -4.82 -3.14
O2 BGC D . -12.31 -7.40 -3.82
O3 BGC D . -15.08 -7.54 -4.63
O4 BGC D . -15.66 -5.44 -6.59
O5 BGC D . -13.26 -3.92 -4.32
O6 BGC D . -15.58 -2.39 -4.60
F 9N2 E . -2.62 5.61 -9.34
C12 9N2 E . -3.83 5.96 -8.84
C11 9N2 E . -4.92 6.01 -9.67
C10 9N2 E . -6.15 6.32 -9.13
C13 9N2 E . -3.92 6.21 -7.48
O1 9N2 E . -2.85 6.17 -6.63
C14 9N2 E . -5.16 6.52 -6.95
C9 9N2 E . -6.27 6.58 -7.77
C8 9N2 E . -7.61 6.87 -7.19
O 9N2 E . -7.78 6.77 -5.98
C7 9N2 E . -8.74 7.28 -8.10
C6 9N2 E . -9.89 6.51 -8.14
C5 9N2 E . -10.98 7.00 -8.79
N1 9N2 E . -8.60 8.45 -8.71
C15 9N2 E . -9.69 8.95 -9.36
C4 9N2 E . -10.92 8.25 -9.41
C3 9N2 E . -12.04 8.88 -10.01
C2 9N2 E . -11.94 10.14 -10.51
C16 9N2 E . -9.62 10.25 -9.92
C1 9N2 E . -10.74 10.85 -10.47
C 9N2 E . -10.68 12.19 -10.99
N 9N2 E . -10.67 13.25 -11.41
#